data_1J7U
#
_entry.id   1J7U
#
_cell.length_a   50.168
_cell.length_b   91.321
_cell.length_c   132.653
_cell.angle_alpha   90.00
_cell.angle_beta   90.00
_cell.angle_gamma   90.00
#
_symmetry.space_group_name_H-M   'P 21 21 21'
#
loop_
_entity.id
_entity.type
_entity.pdbx_description
1 polymer "AMINOGLYCOSIDE 3'-PHOSPHOTRANSFERASE"
2 non-polymer 'MAGNESIUM ION'
3 non-polymer 'PHOSPHOAMINOPHOSPHONIC ACID-ADENYLATE ESTER'
4 water water
#
_entity_poly.entity_id   1
_entity_poly.type   'polypeptide(L)'
_entity_poly.pdbx_seq_one_letter_code
;MAKMRISPELKKLIEKYRCVKDTEGMSPAKVYKLVGENENLYLKMTDSRYKGTTYDVEREKDMMLWLEGKLPVPKVLHFE
RHDGWSNLLMSEADGVLCSEEYEDEQSPEKIIELYAECIRLFHSIDISDCPYTNSLDSRLAELDYLLNNDLADVDCENWE
EDTPFKDPRELYDFLKTEKPEEELVFSHGDLGDSNIFVKDGKVSGFIDLGRSGRADKWYDIAFCVRSIREDIGEEQYVEL
FFDLLGIKPDWEKIKYYILLDELF
;
_entity_poly.pdbx_strand_id   A,B
#
loop_
_chem_comp.id
_chem_comp.type
_chem_comp.name
_chem_comp.formula
ANP non-polymer 'PHOSPHOAMINOPHOSPHONIC ACID-ADENYLATE ESTER' 'C10 H17 N6 O12 P3'
MG non-polymer 'MAGNESIUM ION' 'Mg 2'
#
# COMPACT_ATOMS: atom_id res chain seq x y z
N ALA A 2 -24.73 -3.03 7.62
CA ALA A 2 -25.06 -1.57 7.67
C ALA A 2 -23.79 -0.73 7.72
N LYS A 3 -22.85 -1.12 8.57
CA LYS A 3 -21.58 -0.41 8.71
C LYS A 3 -20.81 -0.58 7.41
N MET A 4 -20.60 0.53 6.70
CA MET A 4 -19.89 0.55 5.42
C MET A 4 -19.02 1.79 5.35
N ARG A 5 -18.04 1.77 4.46
CA ARG A 5 -17.18 2.93 4.28
C ARG A 5 -17.80 3.92 3.28
N ILE A 6 -18.75 3.41 2.49
CA ILE A 6 -19.45 4.23 1.51
C ILE A 6 -20.96 4.14 1.80
N SER A 7 -21.69 5.18 1.40
CA SER A 7 -23.13 5.23 1.61
C SER A 7 -23.89 4.39 0.59
N PRO A 8 -25.17 4.06 0.88
CA PRO A 8 -26.00 3.27 -0.03
C PRO A 8 -26.06 3.93 -1.41
N GLU A 9 -26.19 5.27 -1.42
CA GLU A 9 -26.27 6.02 -2.66
C GLU A 9 -25.03 5.79 -3.53
N LEU A 10 -23.85 5.96 -2.94
CA LEU A 10 -22.59 5.77 -3.65
C LEU A 10 -22.40 4.32 -4.09
N LYS A 11 -22.83 3.38 -3.24
CA LYS A 11 -22.71 1.97 -3.58
C LYS A 11 -23.52 1.68 -4.84
N LYS A 12 -24.72 2.28 -4.92
CA LYS A 12 -25.57 2.09 -6.07
C LYS A 12 -24.98 2.73 -7.32
N LEU A 13 -24.29 3.86 -7.14
CA LEU A 13 -23.66 4.58 -8.25
C LEU A 13 -22.50 3.84 -8.90
N ILE A 14 -21.93 2.86 -8.20
CA ILE A 14 -20.77 2.12 -8.73
C ILE A 14 -20.93 0.61 -8.85
N GLU A 15 -22.17 0.12 -8.86
CA GLU A 15 -22.43 -1.31 -8.96
C GLU A 15 -22.02 -1.91 -10.32
N LYS A 16 -22.30 -1.17 -11.39
CA LYS A 16 -21.99 -1.59 -12.74
C LYS A 16 -20.50 -1.54 -13.09
N TYR A 17 -19.68 -1.15 -12.12
CA TYR A 17 -18.25 -1.04 -12.32
C TYR A 17 -17.50 -2.13 -11.60
N ARG A 18 -16.36 -2.52 -12.18
CA ARG A 18 -15.49 -3.55 -11.62
C ARG A 18 -14.37 -2.85 -10.87
N CYS A 19 -14.39 -2.98 -9.55
CA CYS A 19 -13.37 -2.35 -8.69
C CYS A 19 -12.02 -3.04 -8.73
N VAL A 20 -10.98 -2.25 -8.97
CA VAL A 20 -9.60 -2.73 -9.01
C VAL A 20 -8.73 -1.73 -8.27
N LYS A 21 -8.32 -2.10 -7.05
CA LYS A 21 -7.50 -1.24 -6.20
C LYS A 21 -6.17 -0.85 -6.84
N ASP A 22 -5.81 0.42 -6.69
CA ASP A 22 -4.57 0.98 -7.23
C ASP A 22 -3.33 0.33 -6.58
N THR A 23 -2.32 0.06 -7.42
CA THR A 23 -1.09 -0.58 -6.96
C THR A 23 -0.06 0.34 -6.28
N GLU A 24 -0.07 1.62 -6.63
CA GLU A 24 0.87 2.60 -6.06
C GLU A 24 0.70 2.73 -4.55
N GLY A 25 -0.47 3.21 -4.13
CA GLY A 25 -0.79 3.37 -2.71
C GLY A 25 0.25 3.94 -1.77
N MET A 26 1.09 4.85 -2.27
CA MET A 26 2.15 5.46 -1.46
C MET A 26 1.65 6.60 -0.58
N SER A 27 0.37 6.57 -0.25
CA SER A 27 -0.24 7.60 0.60
C SER A 27 -1.30 6.94 1.48
N PRO A 28 -1.90 7.71 2.41
CA PRO A 28 -2.94 7.19 3.30
C PRO A 28 -4.25 6.91 2.56
N ALA A 29 -4.43 7.57 1.41
CA ALA A 29 -5.64 7.43 0.60
C ALA A 29 -5.75 6.14 -0.17
N LYS A 30 -6.98 5.60 -0.21
CA LYS A 30 -7.28 4.38 -0.93
C LYS A 30 -7.77 4.83 -2.30
N VAL A 31 -7.15 4.33 -3.36
CA VAL A 31 -7.54 4.69 -4.72
C VAL A 31 -8.06 3.45 -5.45
N TYR A 32 -9.23 3.60 -6.06
CA TYR A 32 -9.85 2.49 -6.77
C TYR A 32 -10.27 2.88 -8.19
N LYS A 33 -9.81 2.10 -9.16
CA LYS A 33 -10.18 2.30 -10.56
C LYS A 33 -11.43 1.47 -10.75
N LEU A 34 -12.52 2.12 -11.13
CA LEU A 34 -13.80 1.45 -11.33
C LEU A 34 -14.00 1.20 -12.82
N VAL A 35 -13.78 -0.04 -13.24
CA VAL A 35 -13.91 -0.43 -14.65
C VAL A 35 -15.35 -0.64 -15.11
N GLY A 36 -15.78 0.21 -16.03
CA GLY A 36 -17.14 0.09 -16.56
C GLY A 36 -17.06 -0.37 -17.99
N GLU A 37 -18.22 -0.64 -18.57
CA GLU A 37 -18.29 -1.07 -19.96
C GLU A 37 -17.94 0.07 -20.90
N ASN A 38 -18.49 1.25 -20.62
CA ASN A 38 -18.26 2.41 -21.46
C ASN A 38 -17.17 3.37 -20.99
N GLU A 39 -16.90 3.39 -19.68
CA GLU A 39 -15.88 4.29 -19.13
C GLU A 39 -15.29 3.84 -17.80
N ASN A 40 -14.24 4.52 -17.39
CA ASN A 40 -13.57 4.22 -16.13
C ASN A 40 -13.75 5.38 -15.18
N LEU A 41 -14.14 5.06 -13.95
CA LEU A 41 -14.29 6.09 -12.93
C LEU A 41 -13.24 5.80 -11.86
N TYR A 42 -12.99 6.78 -11.01
CA TYR A 42 -12.02 6.58 -9.94
C TYR A 42 -12.63 7.01 -8.62
N LEU A 43 -12.35 6.25 -7.57
CA LEU A 43 -12.85 6.57 -6.25
C LEU A 43 -11.65 6.64 -5.31
N LYS A 44 -11.46 7.81 -4.71
CA LYS A 44 -10.36 8.04 -3.79
C LYS A 44 -11.02 8.34 -2.47
N MET A 45 -10.47 7.76 -1.40
CA MET A 45 -11.03 7.96 -0.07
C MET A 45 -10.01 7.97 1.04
N THR A 46 -10.22 8.87 2.01
CA THR A 46 -9.33 9.00 3.16
C THR A 46 -10.08 8.87 4.48
N ASP A 47 -9.42 8.28 5.47
CA ASP A 47 -10.05 8.08 6.78
C ASP A 47 -9.95 9.30 7.67
N SER A 48 -10.76 9.31 8.73
CA SER A 48 -10.87 10.40 9.70
C SER A 48 -9.58 10.97 10.31
N ARG A 49 -8.54 10.15 10.40
CA ARG A 49 -7.27 10.59 10.96
C ARG A 49 -6.61 11.68 10.11
N TYR A 50 -7.03 11.76 8.85
CA TYR A 50 -6.49 12.75 7.92
C TYR A 50 -7.38 13.94 7.64
N LYS A 51 -8.50 14.02 8.36
CA LYS A 51 -9.44 15.11 8.22
C LYS A 51 -8.78 16.49 8.39
N GLY A 52 -9.03 17.38 7.44
CA GLY A 52 -8.48 18.72 7.50
C GLY A 52 -7.04 18.88 7.01
N THR A 53 -6.36 17.76 6.77
CA THR A 53 -4.98 17.82 6.30
C THR A 53 -4.96 17.91 4.79
N THR A 54 -3.78 18.17 4.23
CA THR A 54 -3.63 18.24 2.79
C THR A 54 -3.79 16.88 2.12
N TYR A 55 -4.13 15.85 2.90
CA TYR A 55 -4.37 14.49 2.40
C TYR A 55 -5.87 14.26 2.26
N ASP A 56 -6.65 14.94 3.10
CA ASP A 56 -8.11 14.81 3.12
C ASP A 56 -8.70 14.98 1.70
N VAL A 57 -9.37 13.94 1.18
CA VAL A 57 -9.93 14.03 -0.17
C VAL A 57 -11.04 15.07 -0.30
N GLU A 58 -11.62 15.48 0.83
CA GLU A 58 -12.67 16.51 0.78
C GLU A 58 -12.02 17.80 0.32
N ARG A 59 -10.83 18.03 0.86
CA ARG A 59 -10.04 19.21 0.53
C ARG A 59 -9.67 19.12 -0.94
N GLU A 60 -9.44 17.88 -1.39
CA GLU A 60 -9.10 17.62 -2.78
C GLU A 60 -10.31 17.89 -3.69
N LYS A 61 -11.51 17.60 -3.18
CA LYS A 61 -12.78 17.79 -3.89
C LYS A 61 -13.03 19.28 -4.10
N ASP A 62 -12.88 20.06 -3.04
CA ASP A 62 -13.07 21.51 -3.08
C ASP A 62 -12.16 22.15 -4.12
N MET A 63 -10.91 21.71 -4.16
CA MET A 63 -9.94 22.23 -5.13
C MET A 63 -10.25 21.73 -6.54
N MET A 64 -10.77 20.52 -6.65
CA MET A 64 -11.12 19.96 -7.95
C MET A 64 -12.30 20.73 -8.54
N LEU A 65 -13.24 21.15 -7.70
CA LEU A 65 -14.39 21.91 -8.16
C LEU A 65 -13.98 23.31 -8.57
N TRP A 66 -13.18 23.96 -7.72
CA TRP A 66 -12.69 25.32 -7.96
C TRP A 66 -11.80 25.37 -9.20
N LEU A 67 -11.04 24.29 -9.45
CA LEU A 67 -10.15 24.27 -10.60
C LEU A 67 -10.86 24.06 -11.94
N GLU A 68 -12.14 23.70 -11.88
CA GLU A 68 -12.93 23.50 -13.10
C GLU A 68 -12.96 24.80 -13.89
N GLY A 69 -12.58 24.74 -15.15
CA GLY A 69 -12.55 25.93 -15.98
C GLY A 69 -11.21 26.65 -15.93
N LYS A 70 -10.37 26.30 -14.95
CA LYS A 70 -9.06 26.94 -14.80
C LYS A 70 -7.93 26.00 -15.21
N LEU A 71 -8.06 24.73 -14.83
CA LEU A 71 -7.08 23.70 -15.17
C LEU A 71 -7.81 22.45 -15.60
N PRO A 72 -7.17 21.62 -16.45
CA PRO A 72 -7.76 20.36 -16.92
C PRO A 72 -7.75 19.40 -15.75
N VAL A 73 -8.91 19.17 -15.16
CA VAL A 73 -9.03 18.27 -14.02
C VAL A 73 -10.20 17.32 -14.18
N PRO A 74 -10.24 16.25 -13.36
CA PRO A 74 -11.34 15.27 -13.43
C PRO A 74 -12.63 15.93 -12.97
N LYS A 75 -13.75 15.39 -13.42
CA LYS A 75 -15.04 15.93 -13.02
C LYS A 75 -15.48 15.27 -11.73
N VAL A 76 -16.04 16.08 -10.83
CA VAL A 76 -16.55 15.59 -9.55
C VAL A 76 -17.93 14.96 -9.80
N LEU A 77 -18.02 13.65 -9.63
CA LEU A 77 -19.28 12.96 -9.87
C LEU A 77 -20.06 12.78 -8.57
N HIS A 78 -19.33 12.62 -7.47
CA HIS A 78 -19.94 12.45 -6.16
C HIS A 78 -18.92 12.62 -5.04
N PHE A 79 -19.38 13.19 -3.94
CA PHE A 79 -18.56 13.36 -2.75
C PHE A 79 -19.45 13.15 -1.54
N GLU A 80 -18.84 12.71 -0.45
CA GLU A 80 -19.60 12.46 0.77
C GLU A 80 -18.69 12.13 1.93
N ARG A 81 -19.12 12.49 3.13
CA ARG A 81 -18.40 12.13 4.32
C ARG A 81 -19.25 11.01 4.90
N HIS A 82 -18.69 9.81 4.99
CA HIS A 82 -19.40 8.67 5.52
C HIS A 82 -18.59 7.89 6.54
N ASP A 83 -19.05 7.92 7.79
CA ASP A 83 -18.39 7.24 8.91
C ASP A 83 -16.93 7.66 9.11
N GLY A 84 -16.65 8.95 8.89
CA GLY A 84 -15.30 9.44 9.05
C GLY A 84 -14.49 9.39 7.76
N TRP A 85 -14.99 8.66 6.77
CA TRP A 85 -14.34 8.54 5.47
C TRP A 85 -14.80 9.66 4.54
N SER A 86 -13.83 10.29 3.87
CA SER A 86 -14.14 11.32 2.89
C SER A 86 -14.08 10.57 1.56
N ASN A 87 -15.18 10.54 0.83
CA ASN A 87 -15.25 9.80 -0.43
C ASN A 87 -15.48 10.65 -1.65
N LEU A 88 -14.62 10.47 -2.65
CA LEU A 88 -14.72 11.22 -3.90
C LEU A 88 -14.78 10.30 -5.12
N LEU A 89 -15.86 10.41 -5.88
CA LEU A 89 -16.05 9.64 -7.11
C LEU A 89 -15.78 10.61 -8.24
N MET A 90 -14.84 10.28 -9.11
CA MET A 90 -14.50 11.19 -10.19
C MET A 90 -14.36 10.51 -11.54
N SER A 91 -14.25 11.33 -12.58
CA SER A 91 -14.09 10.84 -13.94
C SER A 91 -12.62 10.58 -14.20
N GLU A 92 -12.35 9.76 -15.22
CA GLU A 92 -10.98 9.44 -15.59
C GLU A 92 -10.34 10.64 -16.29
N ALA A 93 -9.11 10.94 -15.93
CA ALA A 93 -8.38 12.05 -16.53
C ALA A 93 -8.20 11.79 -18.02
N ASP A 94 -8.19 12.87 -18.80
CA ASP A 94 -8.03 12.80 -20.25
C ASP A 94 -6.54 12.75 -20.62
N GLY A 95 -6.20 11.93 -21.62
CA GLY A 95 -4.82 11.83 -22.06
C GLY A 95 -4.06 10.63 -21.52
N VAL A 96 -2.73 10.72 -21.56
CA VAL A 96 -1.86 9.63 -21.07
C VAL A 96 -1.00 10.10 -19.89
N LEU A 97 -0.84 9.22 -18.90
CA LEU A 97 -0.03 9.51 -17.73
C LEU A 97 1.40 9.79 -18.19
N CYS A 98 2.01 10.86 -17.68
CA CYS A 98 3.37 11.23 -18.08
C CYS A 98 4.41 10.17 -17.81
N SER A 99 4.26 9.41 -16.72
CA SER A 99 5.21 8.36 -16.39
C SER A 99 5.03 7.18 -17.34
N GLU A 100 4.07 7.29 -18.25
CA GLU A 100 3.79 6.25 -19.24
C GLU A 100 3.99 6.80 -20.66
N GLU A 101 3.69 8.08 -20.86
CA GLU A 101 3.87 8.72 -22.15
C GLU A 101 5.37 8.78 -22.44
N TYR A 102 6.15 8.87 -21.37
CA TYR A 102 7.60 8.91 -21.46
C TYR A 102 8.18 7.72 -20.68
N GLU A 103 7.40 6.65 -20.60
CA GLU A 103 7.79 5.43 -19.89
C GLU A 103 9.01 4.81 -20.54
N ASP A 104 10.17 4.99 -19.90
CA ASP A 104 11.44 4.49 -20.41
C ASP A 104 11.82 5.13 -21.73
N GLU A 105 10.91 5.93 -22.30
CA GLU A 105 11.15 6.62 -23.56
C GLU A 105 12.20 7.69 -23.28
N GLN A 106 13.41 7.47 -23.80
CA GLN A 106 14.54 8.37 -23.62
C GLN A 106 14.34 9.72 -24.32
N SER A 107 13.58 10.60 -23.67
CA SER A 107 13.28 11.94 -24.16
C SER A 107 13.13 12.87 -22.96
N PRO A 108 14.21 13.04 -22.17
CA PRO A 108 14.23 13.88 -20.97
C PRO A 108 13.96 15.36 -21.20
N GLU A 109 14.12 15.82 -22.44
CA GLU A 109 13.89 17.22 -22.77
C GLU A 109 12.41 17.58 -22.83
N LYS A 110 11.59 16.63 -23.27
CA LYS A 110 10.15 16.87 -23.37
C LYS A 110 9.46 16.93 -22.02
N ILE A 111 9.97 16.17 -21.05
CA ILE A 111 9.36 16.19 -19.72
C ILE A 111 9.69 17.52 -19.05
N ILE A 112 10.82 18.13 -19.46
CA ILE A 112 11.24 19.43 -18.96
C ILE A 112 10.30 20.50 -19.52
N GLU A 113 10.03 20.39 -20.83
CA GLU A 113 9.14 21.32 -21.53
C GLU A 113 7.76 21.26 -20.86
N LEU A 114 7.39 20.05 -20.48
CA LEU A 114 6.12 19.78 -19.83
C LEU A 114 6.03 20.52 -18.49
N TYR A 115 7.02 20.30 -17.62
CA TYR A 115 7.07 20.97 -16.32
C TYR A 115 7.03 22.48 -16.51
N ALA A 116 7.85 22.95 -17.46
CA ALA A 116 7.91 24.38 -17.76
C ALA A 116 6.53 24.91 -18.11
N GLU A 117 5.75 24.12 -18.86
CA GLU A 117 4.40 24.53 -19.23
C GLU A 117 3.46 24.55 -18.01
N CYS A 118 3.57 23.55 -17.13
CA CYS A 118 2.72 23.52 -15.94
C CYS A 118 2.95 24.77 -15.10
N ILE A 119 4.23 25.11 -14.89
CA ILE A 119 4.60 26.30 -14.12
C ILE A 119 3.99 27.56 -14.77
N ARG A 120 4.04 27.61 -16.10
CA ARG A 120 3.48 28.74 -16.85
C ARG A 120 1.97 28.78 -16.68
N LEU A 121 1.34 27.61 -16.77
CA LEU A 121 -0.11 27.52 -16.60
C LEU A 121 -0.52 28.02 -15.22
N PHE A 122 0.10 27.48 -14.19
CA PHE A 122 -0.19 27.84 -12.81
C PHE A 122 -0.11 29.34 -12.54
N HIS A 123 0.93 29.98 -13.06
CA HIS A 123 1.11 31.41 -12.85
C HIS A 123 0.01 32.27 -13.50
N SER A 124 -0.81 31.64 -14.34
CA SER A 124 -1.92 32.32 -15.02
C SER A 124 -3.23 32.20 -14.21
N ILE A 125 -3.21 31.38 -13.16
CA ILE A 125 -4.40 31.15 -12.35
C ILE A 125 -4.66 32.18 -11.28
N ASP A 126 -5.83 32.79 -11.34
CA ASP A 126 -6.24 33.80 -10.37
C ASP A 126 -6.53 33.08 -9.06
N ILE A 127 -5.81 33.45 -8.02
CA ILE A 127 -5.96 32.83 -6.71
C ILE A 127 -6.71 33.67 -5.68
N SER A 128 -7.25 34.80 -6.11
CA SER A 128 -7.99 35.71 -5.22
C SER A 128 -9.06 35.01 -4.37
N ASP A 129 -9.78 34.06 -4.97
CA ASP A 129 -10.82 33.34 -4.26
C ASP A 129 -10.50 31.86 -4.04
N CYS A 130 -9.21 31.53 -4.00
CA CYS A 130 -8.77 30.17 -3.79
C CYS A 130 -9.23 29.64 -2.42
N PRO A 131 -9.83 28.44 -2.38
CA PRO A 131 -10.33 27.77 -1.17
C PRO A 131 -9.30 27.52 -0.05
N TYR A 132 -8.04 27.30 -0.42
CA TYR A 132 -7.02 27.03 0.60
C TYR A 132 -5.67 27.73 0.44
N THR A 133 -5.11 28.13 1.58
CA THR A 133 -3.81 28.77 1.59
C THR A 133 -2.84 27.80 2.27
N ASN A 134 -1.98 27.19 1.48
CA ASN A 134 -1.00 26.26 2.02
C ASN A 134 0.32 26.97 2.33
N SER A 135 0.24 28.00 3.16
CA SER A 135 1.42 28.74 3.57
C SER A 135 2.27 27.82 4.44
N LEU A 136 3.54 28.15 4.62
CA LEU A 136 4.43 27.33 5.43
C LEU A 136 3.95 27.19 6.88
N ASP A 137 3.32 28.23 7.42
CA ASP A 137 2.79 28.15 8.79
C ASP A 137 1.74 27.05 8.85
N SER A 138 0.85 27.05 7.85
CA SER A 138 -0.21 26.07 7.72
C SER A 138 0.37 24.65 7.55
N ARG A 139 1.33 24.49 6.64
CA ARG A 139 1.96 23.20 6.37
C ARG A 139 2.73 22.66 7.58
N LEU A 140 3.49 23.52 8.23
CA LEU A 140 4.26 23.10 9.40
C LEU A 140 3.35 22.75 10.57
N ALA A 141 2.17 23.36 10.63
CA ALA A 141 1.21 23.09 11.69
C ALA A 141 0.63 21.69 11.52
N GLU A 142 0.25 21.33 10.30
CA GLU A 142 -0.28 20.00 10.05
C GLU A 142 0.81 18.94 10.14
N LEU A 143 2.04 19.31 9.77
CA LEU A 143 3.16 18.38 9.85
C LEU A 143 3.37 18.06 11.31
N ASP A 144 3.21 19.07 12.16
CA ASP A 144 3.37 18.90 13.60
C ASP A 144 2.37 17.86 14.11
N TYR A 145 1.12 18.01 13.65
CA TYR A 145 0.04 17.09 14.03
C TYR A 145 0.31 15.67 13.53
N LEU A 146 0.81 15.55 12.30
CA LEU A 146 1.10 14.25 11.70
C LEU A 146 2.20 13.50 12.43
N LEU A 147 3.26 14.21 12.81
CA LEU A 147 4.38 13.61 13.52
C LEU A 147 3.94 13.18 14.90
N ASN A 148 3.19 14.04 15.59
CA ASN A 148 2.71 13.74 16.94
C ASN A 148 1.82 12.52 16.96
N ASN A 149 1.03 12.33 15.90
CA ASN A 149 0.13 11.19 15.82
C ASN A 149 0.63 10.01 15.00
N ASP A 150 1.91 10.05 14.62
CA ASP A 150 2.55 8.98 13.85
C ASP A 150 1.84 8.70 12.53
N LEU A 151 1.43 9.76 11.85
CA LEU A 151 0.74 9.65 10.57
C LEU A 151 1.57 10.17 9.41
N ALA A 152 2.77 10.65 9.71
CA ALA A 152 3.66 11.17 8.68
C ALA A 152 4.35 10.05 7.93
N ASP A 153 4.92 10.38 6.79
CA ASP A 153 5.61 9.39 5.96
C ASP A 153 7.07 9.20 6.36
N VAL A 154 7.35 8.06 6.99
CA VAL A 154 8.72 7.75 7.41
C VAL A 154 9.43 6.95 6.32
N ASP A 155 9.96 7.67 5.32
CA ASP A 155 10.68 7.07 4.21
C ASP A 155 11.80 6.21 4.78
N CYS A 156 11.63 4.89 4.67
CA CYS A 156 12.58 3.92 5.19
C CYS A 156 14.05 4.19 4.86
N GLU A 157 14.28 4.99 3.82
CA GLU A 157 15.64 5.33 3.42
C GLU A 157 16.32 6.21 4.47
N ASN A 158 15.51 6.83 5.33
CA ASN A 158 16.02 7.72 6.38
C ASN A 158 16.77 6.96 7.48
N TRP A 159 16.63 5.64 7.50
CA TRP A 159 17.29 4.81 8.50
C TRP A 159 18.74 4.48 8.14
N GLU A 160 19.19 4.96 6.98
CA GLU A 160 20.55 4.73 6.52
C GLU A 160 21.55 5.57 7.31
N GLU A 161 22.76 5.05 7.49
CA GLU A 161 23.81 5.73 8.25
C GLU A 161 24.37 6.99 7.59
N ASP A 162 24.03 7.21 6.33
CA ASP A 162 24.52 8.38 5.59
C ASP A 162 23.53 9.54 5.49
N THR A 163 22.33 9.35 6.05
CA THR A 163 21.27 10.38 6.00
C THR A 163 21.61 11.65 6.78
N PRO A 164 21.17 12.81 6.27
CA PRO A 164 21.38 14.15 6.85
C PRO A 164 20.82 14.35 8.26
N PHE A 165 19.51 14.12 8.43
CA PHE A 165 18.85 14.29 9.73
C PHE A 165 18.69 12.97 10.47
N LYS A 166 18.91 13.00 11.79
CA LYS A 166 18.81 11.80 12.62
C LYS A 166 17.40 11.31 12.94
N ASP A 167 16.41 12.19 12.86
CA ASP A 167 15.02 11.83 13.14
C ASP A 167 14.07 12.91 12.60
N PRO A 168 12.77 12.59 12.51
CA PRO A 168 11.75 13.52 12.01
C PRO A 168 11.74 14.91 12.62
N ARG A 169 11.79 14.98 13.96
CA ARG A 169 11.78 16.27 14.65
C ARG A 169 12.95 17.18 14.34
N GLU A 170 14.12 16.60 14.10
CA GLU A 170 15.30 17.41 13.76
C GLU A 170 15.08 18.10 12.42
N LEU A 171 14.47 17.38 11.49
CA LEU A 171 14.16 17.92 10.17
C LEU A 171 13.06 18.96 10.32
N TYR A 172 12.11 18.68 11.20
CA TYR A 172 11.00 19.59 11.46
C TYR A 172 11.53 20.90 12.08
N ASP A 173 12.42 20.77 13.06
CA ASP A 173 12.98 21.96 13.71
C ASP A 173 13.73 22.83 12.69
N PHE A 174 14.37 22.18 11.72
CA PHE A 174 15.09 22.87 10.65
C PHE A 174 14.08 23.63 9.78
N LEU A 175 13.05 22.91 9.34
CA LEU A 175 12.01 23.51 8.52
C LEU A 175 11.32 24.67 9.24
N LYS A 176 11.16 24.52 10.56
CA LYS A 176 10.49 25.53 11.37
C LYS A 176 11.39 26.76 11.57
N THR A 177 12.70 26.55 11.58
CA THR A 177 13.69 27.61 11.78
C THR A 177 14.14 28.31 10.48
N GLU A 178 14.31 27.52 9.42
CA GLU A 178 14.78 28.07 8.15
C GLU A 178 13.69 28.50 7.18
N LYS A 179 12.48 28.67 7.69
CA LYS A 179 11.31 29.08 6.89
C LYS A 179 11.59 30.32 6.02
N PRO A 180 11.62 30.16 4.69
CA PRO A 180 11.89 31.28 3.79
C PRO A 180 10.68 32.22 3.65
N GLU A 181 10.89 33.31 2.91
CA GLU A 181 9.84 34.30 2.64
C GLU A 181 8.96 33.76 1.51
N GLU A 182 7.66 33.98 1.63
CA GLU A 182 6.72 33.49 0.64
C GLU A 182 6.00 34.55 -0.17
N GLU A 183 5.76 34.22 -1.44
CA GLU A 183 5.04 35.07 -2.38
C GLU A 183 4.04 34.07 -2.96
N LEU A 184 2.78 34.19 -2.55
CA LEU A 184 1.73 33.27 -2.96
C LEU A 184 1.26 33.33 -4.41
N VAL A 185 1.07 32.14 -4.98
CA VAL A 185 0.61 31.95 -6.36
C VAL A 185 -0.09 30.58 -6.33
N PHE A 186 -0.62 30.12 -7.47
CA PHE A 186 -1.27 28.80 -7.46
C PHE A 186 -0.24 27.68 -7.42
N SER A 187 -0.46 26.71 -6.52
CA SER A 187 0.45 25.59 -6.36
C SER A 187 -0.30 24.26 -6.39
N HIS A 188 0.18 23.35 -7.22
CA HIS A 188 -0.42 22.03 -7.34
C HIS A 188 -0.25 21.24 -6.03
N GLY A 189 0.94 21.31 -5.44
CA GLY A 189 1.19 20.60 -4.20
C GLY A 189 2.00 19.34 -4.33
N ASP A 190 1.91 18.66 -5.47
CA ASP A 190 2.67 17.44 -5.70
C ASP A 190 2.86 17.24 -7.21
N LEU A 191 3.57 18.19 -7.83
CA LEU A 191 3.82 18.13 -9.26
C LEU A 191 4.81 17.04 -9.60
N GLY A 192 4.33 15.98 -10.24
CA GLY A 192 5.17 14.87 -10.62
C GLY A 192 4.62 14.14 -11.84
N ASP A 193 5.40 13.21 -12.39
CA ASP A 193 5.00 12.46 -13.58
C ASP A 193 3.86 11.47 -13.38
N SER A 194 3.42 11.32 -12.14
CA SER A 194 2.33 10.41 -11.81
C SER A 194 1.00 11.12 -11.61
N ASN A 195 1.03 12.46 -11.61
CA ASN A 195 -0.17 13.26 -11.40
C ASN A 195 -0.49 14.15 -12.60
N ILE A 196 0.28 14.00 -13.66
CA ILE A 196 0.09 14.80 -14.87
C ILE A 196 -0.24 13.94 -16.09
N PHE A 197 -1.13 14.43 -16.94
CA PHE A 197 -1.53 13.72 -18.14
C PHE A 197 -1.26 14.58 -19.37
N VAL A 198 -0.77 13.95 -20.43
CA VAL A 198 -0.47 14.62 -21.69
C VAL A 198 -1.20 13.88 -22.79
N LYS A 199 -1.73 14.60 -23.78
CA LYS A 199 -2.45 13.94 -24.87
C LYS A 199 -1.77 14.11 -26.22
N ASP A 200 -1.60 15.36 -26.64
CA ASP A 200 -0.96 15.65 -27.93
C ASP A 200 0.16 16.66 -27.73
N GLY A 201 1.16 16.28 -26.92
CA GLY A 201 2.27 17.16 -26.64
C GLY A 201 1.80 18.39 -25.88
N LYS A 202 0.88 18.17 -24.95
CA LYS A 202 0.30 19.25 -24.15
C LYS A 202 -0.43 18.67 -22.94
N VAL A 203 -0.24 19.29 -21.79
CA VAL A 203 -0.88 18.83 -20.55
C VAL A 203 -2.40 18.75 -20.71
N SER A 204 -2.95 17.57 -20.42
CA SER A 204 -4.38 17.32 -20.56
C SER A 204 -5.08 17.00 -19.25
N GLY A 205 -4.34 16.95 -18.15
CA GLY A 205 -4.98 16.64 -16.89
C GLY A 205 -4.11 16.58 -15.65
N PHE A 206 -4.67 17.11 -14.57
CA PHE A 206 -4.00 17.14 -13.27
C PHE A 206 -4.89 16.38 -12.29
N ILE A 207 -4.27 15.56 -11.45
CA ILE A 207 -4.97 14.80 -10.42
C ILE A 207 -4.14 14.94 -9.14
N ASP A 208 -4.63 14.37 -8.04
CA ASP A 208 -3.94 14.43 -6.74
C ASP A 208 -3.85 15.91 -6.32
N LEU A 209 -5.00 16.50 -6.03
CA LEU A 209 -5.09 17.92 -5.67
C LEU A 209 -5.32 18.26 -4.19
N GLY A 210 -5.13 17.29 -3.30
CA GLY A 210 -5.35 17.57 -1.89
C GLY A 210 -4.42 18.63 -1.34
N ARG A 211 -3.26 18.78 -1.98
CA ARG A 211 -2.27 19.75 -1.57
C ARG A 211 -2.30 21.04 -2.40
N SER A 212 -3.34 21.18 -3.25
CA SER A 212 -3.52 22.36 -4.09
C SER A 212 -3.99 23.56 -3.28
N GLY A 213 -3.60 24.75 -3.75
CA GLY A 213 -3.99 25.98 -3.08
C GLY A 213 -2.93 27.04 -3.26
N ARG A 214 -2.90 28.00 -2.35
CA ARG A 214 -1.93 29.08 -2.40
C ARG A 214 -0.64 28.64 -1.73
N ALA A 215 0.49 28.91 -2.37
CA ALA A 215 1.81 28.57 -1.85
C ALA A 215 2.85 29.33 -2.64
N ASP A 216 4.08 29.35 -2.14
CA ASP A 216 5.15 30.06 -2.84
C ASP A 216 5.45 29.38 -4.19
N LYS A 217 5.80 30.17 -5.19
CA LYS A 217 6.09 29.63 -6.50
C LYS A 217 7.22 28.62 -6.53
N TRP A 218 8.21 28.80 -5.65
CA TRP A 218 9.37 27.92 -5.62
C TRP A 218 9.09 26.48 -5.18
N TYR A 219 7.88 26.25 -4.66
CA TYR A 219 7.46 24.94 -4.19
C TYR A 219 7.32 23.95 -5.35
N ASP A 220 6.48 24.28 -6.33
CA ASP A 220 6.27 23.40 -7.48
C ASP A 220 7.54 23.32 -8.31
N ILE A 221 8.25 24.45 -8.43
CA ILE A 221 9.49 24.49 -9.18
C ILE A 221 10.51 23.54 -8.56
N ALA A 222 10.58 23.52 -7.23
CA ALA A 222 11.53 22.64 -6.53
C ALA A 222 11.18 21.18 -6.80
N PHE A 223 9.90 20.86 -6.86
CA PHE A 223 9.48 19.49 -7.12
C PHE A 223 9.94 19.04 -8.50
N CYS A 224 9.92 19.98 -9.44
CA CYS A 224 10.35 19.71 -10.80
C CYS A 224 11.84 19.39 -10.79
N VAL A 225 12.61 20.18 -10.05
CA VAL A 225 14.05 19.97 -9.96
C VAL A 225 14.33 18.57 -9.40
N ARG A 226 13.62 18.20 -8.34
CA ARG A 226 13.78 16.91 -7.70
C ARG A 226 13.55 15.76 -8.65
N SER A 227 12.44 15.80 -9.39
CA SER A 227 12.11 14.74 -10.33
C SER A 227 13.09 14.70 -11.52
N ILE A 228 13.56 15.86 -11.96
CA ILE A 228 14.52 15.94 -13.05
C ILE A 228 15.77 15.19 -12.65
N ARG A 229 16.24 15.44 -11.43
CA ARG A 229 17.44 14.81 -10.90
C ARG A 229 17.28 13.31 -10.61
N GLU A 230 16.05 12.89 -10.34
CA GLU A 230 15.78 11.48 -10.07
C GLU A 230 15.82 10.64 -11.34
N ASP A 231 15.31 11.21 -12.43
CA ASP A 231 15.28 10.53 -13.71
C ASP A 231 16.70 10.29 -14.23
N ILE A 232 17.47 11.38 -14.32
CA ILE A 232 18.84 11.30 -14.80
C ILE A 232 19.82 12.10 -13.96
N GLY A 233 21.05 11.61 -13.87
CA GLY A 233 22.07 12.30 -13.09
C GLY A 233 22.72 13.45 -13.85
N GLU A 234 22.05 13.92 -14.90
CA GLU A 234 22.56 15.02 -15.72
C GLU A 234 22.03 16.36 -15.19
N GLU A 235 22.87 17.06 -14.44
CA GLU A 235 22.52 18.36 -13.86
C GLU A 235 22.28 19.40 -14.97
N GLN A 236 22.72 19.07 -16.17
CA GLN A 236 22.56 19.95 -17.34
C GLN A 236 21.09 20.22 -17.62
N TYR A 237 20.24 19.23 -17.38
CA TYR A 237 18.81 19.37 -17.61
C TYR A 237 18.16 20.34 -16.62
N VAL A 238 18.75 20.47 -15.43
CA VAL A 238 18.24 21.40 -14.44
C VAL A 238 18.45 22.82 -15.01
N GLU A 239 19.59 23.05 -15.64
CA GLU A 239 19.89 24.36 -16.23
C GLU A 239 18.91 24.68 -17.34
N LEU A 240 18.66 23.68 -18.19
CA LEU A 240 17.73 23.79 -19.31
C LEU A 240 16.35 24.20 -18.80
N PHE A 241 15.90 23.51 -17.75
CA PHE A 241 14.60 23.78 -17.14
C PHE A 241 14.51 25.25 -16.75
N PHE A 242 15.58 25.76 -16.13
CA PHE A 242 15.57 27.16 -15.73
C PHE A 242 15.70 28.14 -16.90
N ASP A 243 16.28 27.68 -18.01
CA ASP A 243 16.38 28.53 -19.19
C ASP A 243 14.97 28.69 -19.74
N LEU A 244 14.22 27.59 -19.75
CA LEU A 244 12.84 27.59 -20.22
C LEU A 244 11.95 28.49 -19.36
N LEU A 245 12.13 28.43 -18.04
CA LEU A 245 11.34 29.28 -17.15
C LEU A 245 11.77 30.74 -17.27
N GLY A 246 13.04 30.96 -17.62
CA GLY A 246 13.54 32.31 -17.77
C GLY A 246 13.85 32.99 -16.45
N ILE A 247 14.26 32.22 -15.46
CA ILE A 247 14.58 32.77 -14.15
C ILE A 247 15.85 32.16 -13.56
N LYS A 248 16.41 32.88 -12.59
CA LYS A 248 17.59 32.41 -11.89
C LYS A 248 17.09 31.54 -10.72
N PRO A 249 17.60 30.31 -10.61
CA PRO A 249 17.16 29.43 -9.53
C PRO A 249 17.55 29.94 -8.13
N ASP A 250 16.63 29.80 -7.17
CA ASP A 250 16.88 30.20 -5.79
C ASP A 250 17.08 28.88 -5.04
N TRP A 251 18.33 28.47 -4.92
CA TRP A 251 18.67 27.21 -4.29
C TRP A 251 18.30 27.01 -2.83
N GLU A 252 18.30 28.10 -2.04
CA GLU A 252 17.92 28.00 -0.64
C GLU A 252 16.45 27.61 -0.52
N LYS A 253 15.61 28.14 -1.39
CA LYS A 253 14.18 27.80 -1.35
C LYS A 253 13.92 26.43 -1.99
N ILE A 254 14.63 26.12 -3.07
CA ILE A 254 14.49 24.84 -3.75
C ILE A 254 14.85 23.72 -2.76
N LYS A 255 16.00 23.86 -2.09
CA LYS A 255 16.43 22.88 -1.08
C LYS A 255 15.41 22.82 0.04
N TYR A 256 14.94 23.98 0.48
CA TYR A 256 13.98 24.01 1.56
C TYR A 256 12.71 23.20 1.26
N TYR A 257 12.09 23.44 0.12
CA TYR A 257 10.86 22.72 -0.24
C TYR A 257 11.03 21.24 -0.52
N ILE A 258 12.19 20.83 -1.00
CA ILE A 258 12.47 19.41 -1.24
C ILE A 258 12.50 18.68 0.11
N LEU A 259 13.08 19.34 1.12
CA LEU A 259 13.16 18.75 2.45
C LEU A 259 11.78 18.69 3.10
N LEU A 260 10.95 19.72 2.87
CA LEU A 260 9.61 19.76 3.45
C LEU A 260 8.77 18.55 2.99
N ASP A 261 8.95 18.13 1.75
CA ASP A 261 8.19 17.01 1.23
C ASP A 261 8.65 15.64 1.71
N GLU A 262 9.82 15.58 2.36
CA GLU A 262 10.36 14.33 2.86
C GLU A 262 9.45 13.63 3.86
N LEU A 263 8.82 14.39 4.75
CA LEU A 263 7.93 13.83 5.75
C LEU A 263 6.46 13.71 5.32
N PHE A 264 6.20 13.87 4.02
CA PHE A 264 4.85 13.77 3.49
C PHE A 264 4.73 12.64 2.46
N ALA B 2 14.62 11.31 18.63
CA ALA B 2 13.53 11.30 19.64
C ALA B 2 12.46 10.27 19.29
N LYS B 3 11.31 10.72 18.81
CA LYS B 3 10.23 9.81 18.44
C LYS B 3 10.54 9.14 17.09
N MET B 4 10.49 7.81 17.10
CA MET B 4 10.75 6.99 15.90
C MET B 4 9.97 5.67 16.01
N ARG B 5 9.81 4.98 14.89
CA ARG B 5 9.11 3.70 14.87
C ARG B 5 10.00 2.51 15.23
N ILE B 6 11.32 2.70 15.15
CA ILE B 6 12.26 1.64 15.49
C ILE B 6 13.23 2.17 16.54
N SER B 7 13.66 1.29 17.44
CA SER B 7 14.58 1.67 18.53
C SER B 7 15.99 2.02 18.05
N PRO B 8 16.79 2.70 18.89
CA PRO B 8 18.13 3.03 18.45
C PRO B 8 18.97 1.78 18.17
N GLU B 9 18.74 0.71 18.93
CA GLU B 9 19.45 -0.56 18.74
C GLU B 9 19.12 -1.17 17.38
N LEU B 10 17.83 -1.18 17.04
CA LEU B 10 17.42 -1.74 15.76
C LEU B 10 17.98 -0.88 14.64
N LYS B 11 17.95 0.44 14.82
CA LYS B 11 18.48 1.36 13.83
C LYS B 11 19.96 1.08 13.61
N LYS B 12 20.66 0.75 14.70
CA LYS B 12 22.08 0.43 14.67
C LYS B 12 22.30 -0.85 13.85
N LEU B 13 21.42 -1.84 14.05
CA LEU B 13 21.52 -3.11 13.34
C LEU B 13 21.23 -3.01 11.85
N ILE B 14 20.34 -2.09 11.48
CA ILE B 14 19.91 -1.86 10.10
C ILE B 14 20.71 -0.77 9.35
N GLU B 15 21.60 -0.07 10.06
CA GLU B 15 22.39 1.02 9.48
C GLU B 15 23.25 0.69 8.25
N LYS B 16 23.94 -0.45 8.31
CA LYS B 16 24.81 -0.88 7.22
C LYS B 16 24.04 -1.28 5.94
N TYR B 17 22.74 -1.47 6.07
CA TYR B 17 21.90 -1.87 4.95
C TYR B 17 21.20 -0.72 4.23
N ARG B 18 20.88 -0.95 2.96
CA ARG B 18 20.18 0.02 2.13
C ARG B 18 18.72 -0.45 2.05
N CYS B 19 17.80 0.46 2.38
CA CYS B 19 16.38 0.12 2.40
C CYS B 19 15.58 0.27 1.11
N VAL B 20 14.66 -0.66 0.89
CA VAL B 20 13.79 -0.68 -0.28
C VAL B 20 12.39 -1.17 0.13
N LYS B 21 11.45 -0.25 0.32
CA LYS B 21 10.09 -0.58 0.70
C LYS B 21 9.43 -1.52 -0.30
N ASP B 22 8.97 -2.67 0.19
CA ASP B 22 8.31 -3.68 -0.65
C ASP B 22 7.07 -3.10 -1.35
N THR B 23 7.07 -3.18 -2.68
CA THR B 23 5.98 -2.67 -3.49
C THR B 23 4.95 -3.74 -3.85
N GLU B 24 3.98 -3.95 -2.97
CA GLU B 24 2.93 -4.93 -3.17
C GLU B 24 1.62 -4.38 -2.60
N GLY B 25 1.62 -4.15 -1.28
CA GLY B 25 0.44 -3.62 -0.61
C GLY B 25 -0.74 -4.58 -0.66
N MET B 26 -0.91 -5.35 0.41
CA MET B 26 -2.01 -6.31 0.49
C MET B 26 -2.41 -6.57 1.94
N SER B 27 -1.62 -6.04 2.88
CA SER B 27 -1.90 -6.20 4.30
C SER B 27 -1.48 -4.92 5.04
N PRO B 28 -1.84 -4.79 6.33
CA PRO B 28 -1.46 -3.61 7.10
C PRO B 28 0.02 -3.54 7.48
N ALA B 29 0.73 -4.65 7.32
CA ALA B 29 2.15 -4.70 7.66
C ALA B 29 3.06 -3.89 6.74
N LYS B 30 4.13 -3.39 7.31
CA LYS B 30 5.13 -2.63 6.58
C LYS B 30 6.27 -3.60 6.33
N VAL B 31 6.58 -3.86 5.06
CA VAL B 31 7.65 -4.77 4.69
C VAL B 31 8.79 -4.03 3.99
N TYR B 32 10.01 -4.22 4.49
CA TYR B 32 11.18 -3.57 3.90
C TYR B 32 12.31 -4.53 3.63
N LYS B 33 12.81 -4.48 2.40
CA LYS B 33 13.94 -5.31 2.00
C LYS B 33 15.17 -4.48 2.33
N LEU B 34 16.10 -5.07 3.07
CA LEU B 34 17.32 -4.38 3.46
C LEU B 34 18.52 -5.02 2.78
N VAL B 35 19.02 -4.38 1.73
CA VAL B 35 20.15 -4.89 0.97
C VAL B 35 21.49 -4.52 1.59
N GLY B 36 22.34 -5.52 1.78
CA GLY B 36 23.66 -5.33 2.36
C GLY B 36 24.73 -5.79 1.40
N GLU B 37 25.99 -5.77 1.83
CA GLU B 37 27.10 -6.20 0.97
C GLU B 37 27.41 -7.69 1.13
N ASN B 38 26.72 -8.34 2.08
CA ASN B 38 26.93 -9.76 2.32
C ASN B 38 25.64 -10.54 2.20
N GLU B 39 24.51 -9.84 2.37
CA GLU B 39 23.18 -10.45 2.29
C GLU B 39 22.07 -9.42 2.44
N ASN B 40 20.84 -9.88 2.27
CA ASN B 40 19.67 -9.03 2.42
C ASN B 40 18.86 -9.52 3.61
N LEU B 41 18.34 -8.56 4.38
CA LEU B 41 17.52 -8.87 5.52
C LEU B 41 16.13 -8.29 5.23
N TYR B 42 15.16 -8.61 6.08
CA TYR B 42 13.81 -8.09 5.91
C TYR B 42 13.27 -7.58 7.23
N LEU B 43 12.69 -6.39 7.19
CA LEU B 43 12.10 -5.78 8.37
C LEU B 43 10.60 -5.67 8.12
N LYS B 44 9.81 -6.33 8.97
CA LYS B 44 8.36 -6.30 8.87
C LYS B 44 7.84 -5.61 10.12
N MET B 45 6.84 -4.75 9.96
CA MET B 45 6.29 -3.98 11.09
C MET B 45 4.78 -3.83 11.08
N THR B 46 4.18 -3.90 12.26
CA THR B 46 2.73 -3.71 12.40
C THR B 46 2.41 -2.77 13.56
N ASP B 47 1.45 -1.87 13.34
CA ASP B 47 1.08 -0.90 14.36
C ASP B 47 0.12 -1.43 15.43
N SER B 48 0.05 -0.69 16.52
CA SER B 48 -0.77 -1.00 17.69
C SER B 48 -2.20 -1.54 17.46
N ARG B 49 -2.86 -1.04 16.43
CA ARG B 49 -4.23 -1.47 16.14
C ARG B 49 -4.35 -2.96 15.81
N TYR B 50 -3.23 -3.62 15.51
CA TYR B 50 -3.27 -5.03 15.16
C TYR B 50 -2.76 -5.99 16.20
N LYS B 51 -2.44 -5.44 17.36
CA LYS B 51 -1.94 -6.20 18.49
C LYS B 51 -2.89 -7.36 18.81
N GLY B 52 -2.36 -8.56 18.99
CA GLY B 52 -3.19 -9.71 19.30
C GLY B 52 -3.97 -10.36 18.15
N THR B 53 -3.91 -9.77 16.95
CA THR B 53 -4.59 -10.33 15.80
C THR B 53 -3.58 -11.16 15.01
N THR B 54 -4.08 -11.91 14.03
CA THR B 54 -3.20 -12.73 13.22
C THR B 54 -2.36 -11.91 12.26
N TYR B 55 -2.53 -10.59 12.30
CA TYR B 55 -1.77 -9.65 11.48
C TYR B 55 -0.50 -9.22 12.22
N ASP B 56 -0.56 -9.29 13.55
CA ASP B 56 0.54 -8.89 14.44
C ASP B 56 1.86 -9.63 14.20
N VAL B 57 2.89 -8.90 13.81
CA VAL B 57 4.19 -9.52 13.57
C VAL B 57 4.79 -10.14 14.83
N GLU B 58 4.33 -9.71 16.00
CA GLU B 58 4.84 -10.34 17.22
C GLU B 58 4.39 -11.79 17.18
N ARG B 59 3.11 -11.99 16.89
CA ARG B 59 2.53 -13.32 16.81
C ARG B 59 3.25 -14.11 15.71
N GLU B 60 3.61 -13.39 14.66
CA GLU B 60 4.33 -13.97 13.53
C GLU B 60 5.74 -14.38 13.92
N LYS B 61 6.34 -13.60 14.79
CA LYS B 61 7.70 -13.84 15.29
C LYS B 61 7.69 -15.09 16.16
N ASP B 62 6.66 -15.21 17.01
CA ASP B 62 6.53 -16.37 17.88
C ASP B 62 6.48 -17.65 17.05
N MET B 63 5.67 -17.64 15.99
CA MET B 63 5.52 -18.79 15.10
C MET B 63 6.80 -19.05 14.35
N MET B 64 7.47 -17.97 13.92
CA MET B 64 8.72 -18.10 13.18
C MET B 64 9.80 -18.78 14.05
N LEU B 65 9.82 -18.47 15.35
CA LEU B 65 10.76 -19.08 16.30
C LEU B 65 10.43 -20.55 16.57
N TRP B 66 9.14 -20.84 16.73
CA TRP B 66 8.68 -22.19 17.00
C TRP B 66 8.83 -23.13 15.78
N LEU B 67 8.80 -22.56 14.58
CA LEU B 67 8.93 -23.33 13.35
C LEU B 67 10.37 -23.68 12.95
N GLU B 68 11.33 -23.13 13.66
CA GLU B 68 12.74 -23.41 13.37
C GLU B 68 13.04 -24.88 13.65
N GLY B 69 13.56 -25.57 12.65
CA GLY B 69 13.85 -26.99 12.79
C GLY B 69 12.66 -27.87 12.44
N LYS B 70 11.54 -27.23 12.07
CA LYS B 70 10.32 -27.94 11.70
C LYS B 70 9.95 -27.66 10.24
N LEU B 71 10.13 -26.42 9.83
CA LEU B 71 9.85 -25.98 8.46
C LEU B 71 10.92 -25.00 8.03
N PRO B 72 11.23 -24.93 6.73
CA PRO B 72 12.26 -23.97 6.33
C PRO B 72 11.65 -22.56 6.37
N VAL B 73 12.02 -21.79 7.39
CA VAL B 73 11.52 -20.42 7.57
C VAL B 73 12.67 -19.47 7.87
N PRO B 74 12.45 -18.14 7.70
CA PRO B 74 13.56 -17.22 7.98
C PRO B 74 13.95 -17.21 9.45
N LYS B 75 15.20 -16.81 9.70
CA LYS B 75 15.73 -16.74 11.05
C LYS B 75 15.36 -15.41 11.70
N VAL B 76 14.98 -15.45 12.97
CA VAL B 76 14.63 -14.24 13.69
C VAL B 76 15.94 -13.58 14.16
N LEU B 77 16.25 -12.43 13.58
CA LEU B 77 17.46 -11.71 13.95
C LEU B 77 17.19 -10.76 15.12
N HIS B 78 16.04 -10.08 15.09
CA HIS B 78 15.68 -9.15 16.16
C HIS B 78 14.18 -8.87 16.18
N PHE B 79 13.63 -8.77 17.39
CA PHE B 79 12.23 -8.45 17.55
C PHE B 79 12.08 -7.45 18.69
N GLU B 80 11.10 -6.55 18.53
CA GLU B 80 10.85 -5.55 19.56
C GLU B 80 9.47 -4.94 19.48
N ARG B 81 9.06 -4.40 20.62
CA ARG B 81 7.82 -3.68 20.77
C ARG B 81 8.37 -2.27 20.93
N HIS B 82 8.03 -1.37 20.03
CA HIS B 82 8.55 -0.02 20.15
C HIS B 82 7.53 1.06 19.81
N ASP B 83 7.19 1.84 20.83
CA ASP B 83 6.26 2.95 20.68
C ASP B 83 5.02 2.53 19.88
N GLY B 84 4.36 1.47 20.33
CA GLY B 84 3.17 0.97 19.66
C GLY B 84 3.42 -0.02 18.53
N TRP B 85 4.59 0.06 17.90
CA TRP B 85 4.94 -0.84 16.80
C TRP B 85 5.54 -2.18 17.22
N SER B 86 5.35 -3.20 16.39
CA SER B 86 5.91 -4.53 16.61
C SER B 86 6.81 -4.73 15.40
N ASN B 87 8.11 -4.78 15.65
CA ASN B 87 9.10 -4.90 14.58
C ASN B 87 9.85 -6.21 14.55
N LEU B 88 9.98 -6.78 13.35
CA LEU B 88 10.68 -8.04 13.16
C LEU B 88 11.75 -7.97 12.07
N LEU B 89 13.00 -8.25 12.47
CA LEU B 89 14.12 -8.26 11.53
C LEU B 89 14.43 -9.74 11.33
N MET B 90 14.39 -10.19 10.07
CA MET B 90 14.61 -11.59 9.75
C MET B 90 15.56 -11.81 8.59
N SER B 91 15.97 -13.07 8.39
CA SER B 91 16.86 -13.40 7.29
C SER B 91 16.04 -13.55 6.02
N GLU B 92 16.70 -13.54 4.86
CA GLU B 92 15.98 -13.71 3.60
C GLU B 92 15.72 -15.20 3.40
N ALA B 93 14.52 -15.51 2.90
CA ALA B 93 14.14 -16.90 2.65
C ALA B 93 15.00 -17.52 1.56
N ASP B 94 15.24 -18.83 1.67
CA ASP B 94 16.04 -19.54 0.69
C ASP B 94 15.20 -19.97 -0.52
N GLY B 95 15.78 -19.87 -1.71
CA GLY B 95 15.08 -20.27 -2.92
C GLY B 95 14.41 -19.18 -3.72
N VAL B 96 13.63 -19.59 -4.72
CA VAL B 96 12.92 -18.68 -5.60
C VAL B 96 11.46 -18.58 -5.19
N LEU B 97 10.92 -17.36 -5.24
CA LEU B 97 9.53 -17.11 -4.90
C LEU B 97 8.66 -17.90 -5.89
N CYS B 98 7.70 -18.64 -5.37
CA CYS B 98 6.80 -19.45 -6.17
C CYS B 98 6.15 -18.70 -7.35
N SER B 99 5.69 -17.48 -7.08
CA SER B 99 5.05 -16.65 -8.10
C SER B 99 6.01 -16.29 -9.23
N GLU B 100 7.32 -16.35 -8.95
CA GLU B 100 8.34 -16.04 -9.94
C GLU B 100 8.70 -17.29 -10.76
N GLU B 101 8.98 -18.39 -10.06
CA GLU B 101 9.34 -19.64 -10.71
C GLU B 101 8.29 -20.01 -11.77
N TYR B 102 7.05 -19.64 -11.49
CA TYR B 102 5.95 -19.90 -12.41
C TYR B 102 5.81 -18.73 -13.39
N GLU B 103 5.24 -17.64 -12.91
CA GLU B 103 5.01 -16.43 -13.71
C GLU B 103 4.38 -16.74 -15.07
N ASP B 104 5.14 -16.53 -16.14
CA ASP B 104 4.66 -16.79 -17.49
C ASP B 104 4.94 -18.23 -17.92
N GLU B 105 6.13 -18.73 -17.58
CA GLU B 105 6.53 -20.10 -17.93
C GLU B 105 5.66 -21.12 -17.20
N GLN B 106 4.48 -21.36 -17.76
CA GLN B 106 3.49 -22.28 -17.22
C GLN B 106 3.95 -23.73 -17.08
N SER B 107 3.89 -24.21 -15.85
CA SER B 107 4.24 -25.58 -15.48
C SER B 107 3.21 -25.93 -14.41
N PRO B 108 1.94 -26.06 -14.82
CA PRO B 108 0.78 -26.37 -13.97
C PRO B 108 0.98 -27.51 -12.99
N GLU B 109 1.34 -28.68 -13.49
CA GLU B 109 1.55 -29.84 -12.63
C GLU B 109 2.55 -29.56 -11.51
N LYS B 110 3.59 -28.79 -11.83
CA LYS B 110 4.63 -28.45 -10.85
C LYS B 110 4.09 -27.63 -9.67
N ILE B 111 3.12 -26.76 -9.93
CA ILE B 111 2.55 -25.94 -8.87
C ILE B 111 1.69 -26.82 -7.96
N ILE B 112 0.81 -27.61 -8.56
CA ILE B 112 -0.08 -28.52 -7.84
C ILE B 112 0.74 -29.44 -6.95
N GLU B 113 1.85 -29.95 -7.47
CA GLU B 113 2.74 -30.83 -6.73
C GLU B 113 3.34 -30.08 -5.54
N LEU B 114 3.61 -28.80 -5.73
CA LEU B 114 4.17 -27.93 -4.70
C LEU B 114 3.17 -27.80 -3.56
N TYR B 115 1.94 -27.44 -3.90
CA TYR B 115 0.88 -27.28 -2.92
C TYR B 115 0.62 -28.59 -2.18
N ALA B 116 0.64 -29.70 -2.91
CA ALA B 116 0.43 -31.01 -2.32
C ALA B 116 1.56 -31.29 -1.34
N GLU B 117 2.78 -30.94 -1.74
CA GLU B 117 3.96 -31.14 -0.90
C GLU B 117 3.83 -30.35 0.41
N CYS B 118 3.27 -29.14 0.31
CA CYS B 118 3.08 -28.26 1.46
C CYS B 118 2.08 -28.86 2.45
N ILE B 119 0.97 -29.37 1.92
CA ILE B 119 -0.06 -29.97 2.75
C ILE B 119 0.46 -31.19 3.52
N ARG B 120 1.16 -32.09 2.83
CA ARG B 120 1.71 -33.29 3.47
C ARG B 120 2.74 -32.91 4.51
N LEU B 121 3.60 -31.97 4.16
CA LEU B 121 4.63 -31.51 5.08
C LEU B 121 3.98 -30.97 6.36
N PHE B 122 2.95 -30.13 6.20
CA PHE B 122 2.25 -29.56 7.34
C PHE B 122 1.66 -30.62 8.25
N HIS B 123 1.11 -31.70 7.67
CA HIS B 123 0.52 -32.76 8.48
C HIS B 123 1.51 -33.57 9.30
N SER B 124 2.78 -33.57 8.91
CA SER B 124 3.81 -34.31 9.64
C SER B 124 4.29 -33.55 10.88
N ILE B 125 3.93 -32.27 10.95
CA ILE B 125 4.33 -31.40 12.05
C ILE B 125 3.59 -31.60 13.38
N ASP B 126 4.37 -31.77 14.43
CA ASP B 126 3.87 -31.98 15.78
C ASP B 126 3.41 -30.63 16.32
N ILE B 127 2.14 -30.55 16.70
CA ILE B 127 1.57 -29.32 17.24
C ILE B 127 1.28 -29.37 18.74
N SER B 128 1.82 -30.37 19.44
CA SER B 128 1.59 -30.51 20.88
C SER B 128 1.95 -29.27 21.71
N ASP B 129 2.95 -28.53 21.26
CA ASP B 129 3.40 -27.33 21.97
C ASP B 129 3.26 -26.06 21.11
N CYS B 130 2.36 -26.10 20.12
CA CYS B 130 2.15 -24.96 19.25
C CYS B 130 1.63 -23.79 20.07
N PRO B 131 2.29 -22.63 19.96
CA PRO B 131 1.96 -21.40 20.67
C PRO B 131 0.58 -20.83 20.37
N TYR B 132 0.04 -21.12 19.19
CA TYR B 132 -1.28 -20.58 18.83
C TYR B 132 -2.29 -21.55 18.26
N THR B 133 -3.54 -21.35 18.66
CA THR B 133 -4.65 -22.16 18.21
C THR B 133 -5.58 -21.23 17.44
N ASN B 134 -5.55 -21.33 16.11
CA ASN B 134 -6.37 -20.50 15.27
C ASN B 134 -7.69 -21.18 14.92
N SER B 135 -8.42 -21.56 15.96
CA SER B 135 -9.72 -22.20 15.81
C SER B 135 -10.70 -21.16 15.26
N LEU B 136 -11.80 -21.62 14.66
CA LEU B 136 -12.81 -20.72 14.12
C LEU B 136 -13.33 -19.73 15.15
N ASP B 137 -13.43 -20.15 16.40
CA ASP B 137 -13.89 -19.28 17.46
C ASP B 137 -12.91 -18.14 17.67
N SER B 138 -11.62 -18.47 17.59
CA SER B 138 -10.55 -17.51 17.75
C SER B 138 -10.52 -16.54 16.56
N ARG B 139 -10.72 -17.07 15.36
CA ARG B 139 -10.71 -16.24 14.16
C ARG B 139 -11.94 -15.34 14.10
N LEU B 140 -13.10 -15.88 14.46
CA LEU B 140 -14.34 -15.10 14.43
C LEU B 140 -14.28 -13.99 15.46
N ALA B 141 -13.71 -14.28 16.63
CA ALA B 141 -13.59 -13.28 17.68
C ALA B 141 -12.78 -12.07 17.20
N GLU B 142 -11.68 -12.32 16.49
CA GLU B 142 -10.84 -11.23 15.98
C GLU B 142 -11.50 -10.53 14.79
N LEU B 143 -12.22 -11.29 13.97
CA LEU B 143 -12.91 -10.72 12.82
C LEU B 143 -13.94 -9.70 13.34
N ASP B 144 -14.56 -10.02 14.47
CA ASP B 144 -15.55 -9.15 15.10
C ASP B 144 -14.83 -7.88 15.52
N TYR B 145 -13.63 -8.03 16.08
CA TYR B 145 -12.81 -6.90 16.51
C TYR B 145 -12.42 -6.02 15.33
N LEU B 146 -12.06 -6.64 14.21
CA LEU B 146 -11.65 -5.91 13.01
C LEU B 146 -12.84 -5.14 12.44
N LEU B 147 -14.01 -5.75 12.44
CA LEU B 147 -15.22 -5.12 11.91
C LEU B 147 -15.66 -3.96 12.81
N ASN B 148 -15.61 -4.16 14.12
CA ASN B 148 -16.02 -3.11 15.05
C ASN B 148 -15.13 -1.88 14.96
N ASN B 149 -13.86 -2.08 14.63
CA ASN B 149 -12.91 -0.99 14.56
C ASN B 149 -12.55 -0.56 13.14
N ASP B 150 -13.30 -1.05 12.16
CA ASP B 150 -13.09 -0.71 10.76
C ASP B 150 -11.68 -1.09 10.27
N LEU B 151 -11.21 -2.27 10.69
CA LEU B 151 -9.88 -2.74 10.32
C LEU B 151 -9.89 -3.94 9.38
N ALA B 152 -11.07 -4.48 9.07
CA ALA B 152 -11.19 -5.62 8.17
C ALA B 152 -10.81 -5.20 6.75
N ASP B 153 -10.42 -6.17 5.92
CA ASP B 153 -9.98 -5.92 4.56
C ASP B 153 -10.76 -4.88 3.76
N VAL B 154 -9.99 -4.00 3.11
CA VAL B 154 -10.51 -2.92 2.29
C VAL B 154 -11.46 -3.41 1.21
N ASP B 155 -12.75 -3.19 1.45
CA ASP B 155 -13.81 -3.60 0.54
C ASP B 155 -13.65 -2.92 -0.82
N CYS B 156 -13.59 -3.73 -1.86
CA CYS B 156 -13.47 -3.27 -3.25
C CYS B 156 -14.30 -4.23 -4.06
N GLU B 157 -14.21 -5.51 -3.70
CA GLU B 157 -14.97 -6.57 -4.34
C GLU B 157 -16.34 -6.65 -3.68
N ASN B 158 -16.36 -6.43 -2.37
CA ASN B 158 -17.59 -6.47 -1.57
C ASN B 158 -18.57 -5.33 -1.86
N TRP B 159 -18.26 -4.50 -2.85
CA TRP B 159 -19.12 -3.39 -3.23
C TRP B 159 -19.95 -3.75 -4.46
N GLU B 160 -19.51 -4.78 -5.17
CA GLU B 160 -20.18 -5.25 -6.38
C GLU B 160 -21.57 -5.81 -6.06
N GLU B 161 -22.49 -5.69 -7.03
CA GLU B 161 -23.86 -6.17 -6.88
C GLU B 161 -23.92 -7.70 -6.77
N ASP B 162 -23.02 -8.38 -7.48
CA ASP B 162 -22.95 -9.84 -7.49
C ASP B 162 -22.49 -10.47 -6.16
N THR B 163 -22.41 -9.66 -5.11
CA THR B 163 -21.99 -10.15 -3.80
C THR B 163 -23.14 -10.86 -3.08
N PRO B 164 -22.91 -12.11 -2.65
CA PRO B 164 -23.90 -12.95 -1.95
C PRO B 164 -24.37 -12.34 -0.63
N PHE B 165 -23.49 -11.59 0.03
CA PHE B 165 -23.81 -10.96 1.30
C PHE B 165 -23.81 -9.44 1.16
N LYS B 166 -24.92 -8.82 1.56
CA LYS B 166 -25.09 -7.38 1.48
C LYS B 166 -24.03 -6.54 2.17
N ASP B 167 -23.45 -7.07 3.25
CA ASP B 167 -22.44 -6.35 4.02
C ASP B 167 -21.53 -7.29 4.80
N PRO B 168 -20.42 -6.78 5.35
CA PRO B 168 -19.46 -7.58 6.12
C PRO B 168 -20.11 -8.37 7.26
N ARG B 169 -20.98 -7.70 8.02
CA ARG B 169 -21.68 -8.34 9.13
C ARG B 169 -22.53 -9.52 8.69
N GLU B 170 -23.22 -9.39 7.56
CA GLU B 170 -24.05 -10.48 7.06
C GLU B 170 -23.17 -11.68 6.74
N LEU B 171 -21.97 -11.41 6.24
CA LEU B 171 -21.01 -12.46 5.93
C LEU B 171 -20.51 -13.04 7.27
N TYR B 172 -20.25 -12.15 8.23
CA TYR B 172 -19.78 -12.56 9.54
C TYR B 172 -20.79 -13.50 10.19
N ASP B 173 -22.06 -13.06 10.24
CA ASP B 173 -23.14 -13.86 10.83
C ASP B 173 -23.19 -15.26 10.22
N PHE B 174 -23.01 -15.32 8.90
CA PHE B 174 -23.02 -16.57 8.17
C PHE B 174 -21.89 -17.48 8.69
N LEU B 175 -20.66 -16.96 8.70
CA LEU B 175 -19.49 -17.73 9.17
C LEU B 175 -19.68 -18.22 10.60
N LYS B 176 -20.36 -17.41 11.40
CA LYS B 176 -20.65 -17.70 12.81
C LYS B 176 -21.70 -18.80 12.98
N THR B 177 -22.69 -18.81 12.09
CA THR B 177 -23.76 -19.81 12.14
C THR B 177 -23.39 -21.12 11.42
N GLU B 178 -22.74 -20.99 10.27
CA GLU B 178 -22.34 -22.13 9.45
C GLU B 178 -20.98 -22.72 9.81
N LYS B 179 -20.51 -22.40 11.01
CA LYS B 179 -19.24 -22.86 11.55
C LYS B 179 -19.15 -24.40 11.56
N PRO B 180 -18.24 -24.98 10.75
CA PRO B 180 -18.07 -26.44 10.68
C PRO B 180 -17.19 -27.01 11.78
N GLU B 181 -17.20 -28.33 11.91
CA GLU B 181 -16.37 -29.02 12.90
C GLU B 181 -14.92 -28.89 12.50
N GLU B 182 -14.02 -28.94 13.48
CA GLU B 182 -12.60 -28.77 13.21
C GLU B 182 -11.70 -29.87 13.74
N GLU B 183 -10.64 -30.13 12.99
CA GLU B 183 -9.63 -31.13 13.34
C GLU B 183 -8.29 -30.42 13.21
N LEU B 184 -7.79 -29.91 14.32
CA LEU B 184 -6.55 -29.14 14.37
C LEU B 184 -5.27 -29.85 13.89
N VAL B 185 -4.57 -29.16 12.99
CA VAL B 185 -3.33 -29.61 12.36
C VAL B 185 -2.48 -28.34 12.17
N PHE B 186 -1.20 -28.45 11.84
CA PHE B 186 -0.44 -27.23 11.62
C PHE B 186 -1.05 -26.55 10.40
N SER B 187 -1.23 -25.25 10.50
CA SER B 187 -1.82 -24.48 9.41
C SER B 187 -0.97 -23.24 9.13
N HIS B 188 -0.72 -22.97 7.85
CA HIS B 188 0.06 -21.79 7.51
C HIS B 188 -0.75 -20.52 7.72
N GLY B 189 -2.01 -20.54 7.30
CA GLY B 189 -2.86 -19.38 7.45
C GLY B 189 -3.08 -18.55 6.20
N ASP B 190 -2.13 -18.58 5.28
CA ASP B 190 -2.24 -17.83 4.03
C ASP B 190 -1.36 -18.49 2.98
N LEU B 191 -1.65 -19.75 2.67
CA LEU B 191 -0.88 -20.48 1.68
C LEU B 191 -1.16 -19.88 0.30
N GLY B 192 -0.12 -19.36 -0.33
CA GLY B 192 -0.24 -18.75 -1.64
C GLY B 192 1.12 -18.64 -2.33
N ASP B 193 1.10 -18.28 -3.61
CA ASP B 193 2.33 -18.17 -4.40
C ASP B 193 3.33 -17.09 -4.00
N SER B 194 2.90 -16.13 -3.18
CA SER B 194 3.81 -15.07 -2.75
C SER B 194 4.35 -15.31 -1.34
N ASN B 195 4.02 -16.48 -0.78
CA ASN B 195 4.46 -16.83 0.58
C ASN B 195 5.28 -18.12 0.61
N ILE B 196 5.45 -18.73 -0.55
CA ILE B 196 6.20 -19.98 -0.65
C ILE B 196 7.43 -19.81 -1.53
N PHE B 197 8.53 -20.44 -1.13
CA PHE B 197 9.76 -20.37 -1.90
C PHE B 197 10.17 -21.78 -2.34
N VAL B 198 10.59 -21.90 -3.60
CA VAL B 198 11.00 -23.19 -4.15
C VAL B 198 12.45 -23.23 -4.59
N LYS B 199 13.04 -24.41 -4.47
CA LYS B 199 14.42 -24.63 -4.86
C LYS B 199 14.55 -26.09 -5.29
N ASP B 200 14.95 -26.29 -6.54
CA ASP B 200 15.14 -27.62 -7.11
C ASP B 200 13.83 -28.42 -7.06
N GLY B 201 12.74 -27.76 -7.46
CA GLY B 201 11.43 -28.40 -7.46
C GLY B 201 10.75 -28.63 -6.11
N LYS B 202 11.47 -28.41 -5.02
CA LYS B 202 10.92 -28.62 -3.67
C LYS B 202 10.83 -27.34 -2.84
N VAL B 203 9.87 -27.29 -1.91
CA VAL B 203 9.70 -26.12 -1.04
C VAL B 203 10.98 -25.84 -0.27
N SER B 204 11.45 -24.61 -0.41
CA SER B 204 12.68 -24.18 0.26
C SER B 204 12.44 -23.17 1.37
N GLY B 205 11.22 -22.64 1.48
CA GLY B 205 10.92 -21.68 2.53
C GLY B 205 9.48 -21.19 2.61
N PHE B 206 9.12 -20.72 3.80
CA PHE B 206 7.78 -20.18 4.07
C PHE B 206 7.91 -18.84 4.80
N ILE B 207 7.04 -17.90 4.47
CA ILE B 207 7.02 -16.57 5.11
C ILE B 207 5.57 -16.18 5.35
N ASP B 208 5.36 -15.00 5.94
CA ASP B 208 4.01 -14.49 6.25
C ASP B 208 3.37 -15.49 7.20
N LEU B 209 3.88 -15.54 8.42
CA LEU B 209 3.45 -16.50 9.44
C LEU B 209 2.55 -16.02 10.58
N GLY B 210 1.99 -14.82 10.46
CA GLY B 210 1.14 -14.31 11.53
C GLY B 210 -0.16 -15.08 11.75
N ARG B 211 -0.65 -15.69 10.67
CA ARG B 211 -1.90 -16.46 10.73
C ARG B 211 -1.62 -17.97 10.88
N SER B 212 -0.37 -18.32 11.22
CA SER B 212 -0.01 -19.73 11.38
C SER B 212 -0.20 -20.26 12.79
N GLY B 213 -0.50 -21.55 12.87
CA GLY B 213 -0.72 -22.21 14.16
C GLY B 213 -1.63 -23.40 13.97
N ARG B 214 -2.42 -23.72 14.98
CA ARG B 214 -3.33 -24.85 14.89
C ARG B 214 -4.62 -24.41 14.22
N ALA B 215 -5.03 -25.16 13.21
CA ALA B 215 -6.28 -24.88 12.50
C ALA B 215 -6.70 -26.14 11.77
N ASP B 216 -7.95 -26.15 11.30
CA ASP B 216 -8.48 -27.30 10.59
C ASP B 216 -7.73 -27.51 9.28
N LYS B 217 -7.54 -28.78 8.91
CA LYS B 217 -6.81 -29.10 7.69
C LYS B 217 -7.42 -28.59 6.38
N TRP B 218 -8.73 -28.36 6.37
CA TRP B 218 -9.38 -27.87 5.15
C TRP B 218 -9.12 -26.40 4.86
N TYR B 219 -8.63 -25.68 5.86
CA TYR B 219 -8.31 -24.26 5.71
C TYR B 219 -7.25 -24.07 4.62
N ASP B 220 -6.07 -24.65 4.83
CA ASP B 220 -4.98 -24.53 3.85
C ASP B 220 -5.32 -25.19 2.50
N ILE B 221 -6.01 -26.33 2.56
CA ILE B 221 -6.41 -27.04 1.36
C ILE B 221 -7.28 -26.15 0.48
N ALA B 222 -8.24 -25.48 1.10
CA ALA B 222 -9.14 -24.57 0.40
C ALA B 222 -8.35 -23.45 -0.28
N PHE B 223 -7.32 -22.95 0.41
CA PHE B 223 -6.48 -21.88 -0.12
C PHE B 223 -5.73 -22.34 -1.37
N CYS B 224 -5.31 -23.59 -1.37
CA CYS B 224 -4.61 -24.17 -2.50
C CYS B 224 -5.57 -24.20 -3.69
N VAL B 225 -6.80 -24.63 -3.42
CA VAL B 225 -7.84 -24.72 -4.44
C VAL B 225 -8.05 -23.34 -5.05
N ARG B 226 -8.19 -22.34 -4.19
CA ARG B 226 -8.39 -20.96 -4.64
C ARG B 226 -7.23 -20.50 -5.52
N SER B 227 -6.01 -20.78 -5.07
CA SER B 227 -4.80 -20.41 -5.81
C SER B 227 -4.75 -21.11 -7.17
N ILE B 228 -5.08 -22.39 -7.18
CA ILE B 228 -5.06 -23.16 -8.41
C ILE B 228 -6.08 -22.61 -9.41
N ARG B 229 -7.27 -22.28 -8.92
CA ARG B 229 -8.31 -21.75 -9.79
C ARG B 229 -8.06 -20.33 -10.32
N GLU B 230 -7.50 -19.45 -9.50
CA GLU B 230 -7.24 -18.09 -9.96
C GLU B 230 -5.84 -17.81 -10.53
N ASP B 231 -4.92 -18.76 -10.37
CA ASP B 231 -3.57 -18.57 -10.88
C ASP B 231 -3.28 -19.41 -12.14
N ILE B 232 -3.74 -20.66 -12.14
CA ILE B 232 -3.53 -21.53 -13.29
C ILE B 232 -4.69 -21.39 -14.28
N GLY B 233 -5.90 -21.70 -13.83
CA GLY B 233 -7.07 -21.58 -14.67
C GLY B 233 -7.89 -22.83 -14.85
N GLU B 234 -7.26 -23.90 -15.32
CA GLU B 234 -7.92 -25.17 -15.55
C GLU B 234 -8.34 -25.89 -14.28
N GLU B 235 -9.62 -26.27 -14.21
CA GLU B 235 -10.17 -26.97 -13.06
C GLU B 235 -9.65 -28.40 -12.99
N GLN B 236 -9.03 -28.85 -14.07
CA GLN B 236 -8.46 -30.19 -14.15
C GLN B 236 -7.31 -30.32 -13.16
N TYR B 237 -6.68 -29.20 -12.84
CA TYR B 237 -5.57 -29.20 -11.90
C TYR B 237 -6.03 -29.19 -10.45
N VAL B 238 -7.32 -28.98 -10.24
CA VAL B 238 -7.88 -29.01 -8.90
C VAL B 238 -8.12 -30.49 -8.64
N GLU B 239 -8.40 -31.22 -9.72
CA GLU B 239 -8.62 -32.67 -9.67
C GLU B 239 -7.30 -33.37 -9.35
N LEU B 240 -6.25 -32.99 -10.09
CA LEU B 240 -4.93 -33.57 -9.86
C LEU B 240 -4.46 -33.28 -8.44
N PHE B 241 -4.77 -32.08 -7.95
CA PHE B 241 -4.40 -31.68 -6.61
C PHE B 241 -4.92 -32.71 -5.59
N PHE B 242 -6.22 -32.97 -5.63
CA PHE B 242 -6.81 -33.93 -4.71
C PHE B 242 -6.34 -35.36 -4.97
N ASP B 243 -5.99 -35.68 -6.21
CA ASP B 243 -5.49 -37.02 -6.53
C ASP B 243 -4.17 -37.21 -5.78
N LEU B 244 -3.31 -36.19 -5.83
CA LEU B 244 -2.01 -36.23 -5.16
C LEU B 244 -2.14 -36.33 -3.65
N LEU B 245 -3.13 -35.65 -3.10
CA LEU B 245 -3.36 -35.70 -1.65
C LEU B 245 -3.93 -37.06 -1.24
N GLY B 246 -4.65 -37.70 -2.17
CA GLY B 246 -5.24 -39.00 -1.92
C GLY B 246 -6.49 -38.92 -1.06
N ILE B 247 -7.29 -37.89 -1.30
CA ILE B 247 -8.53 -37.67 -0.57
C ILE B 247 -9.58 -37.04 -1.49
N LYS B 248 -10.82 -37.08 -1.03
CA LYS B 248 -11.93 -36.50 -1.76
C LYS B 248 -12.19 -35.11 -1.18
N PRO B 249 -12.42 -34.13 -2.05
CA PRO B 249 -12.69 -32.76 -1.61
C PRO B 249 -13.99 -32.61 -0.83
N ASP B 250 -13.95 -31.78 0.21
CA ASP B 250 -15.13 -31.50 1.01
C ASP B 250 -15.48 -30.08 0.60
N TRP B 251 -16.26 -29.96 -0.46
CA TRP B 251 -16.64 -28.66 -1.00
C TRP B 251 -17.35 -27.73 -0.03
N GLU B 252 -18.10 -28.31 0.91
CA GLU B 252 -18.80 -27.48 1.89
C GLU B 252 -17.76 -26.77 2.75
N LYS B 253 -16.81 -27.52 3.31
CA LYS B 253 -15.75 -26.93 4.12
C LYS B 253 -14.83 -26.03 3.30
N ILE B 254 -14.59 -26.40 2.05
CA ILE B 254 -13.72 -25.61 1.18
C ILE B 254 -14.32 -24.22 0.92
N LYS B 255 -15.59 -24.18 0.53
CA LYS B 255 -16.28 -22.92 0.24
C LYS B 255 -16.31 -22.02 1.47
N TYR B 256 -16.47 -22.64 2.64
CA TYR B 256 -16.52 -21.90 3.88
C TYR B 256 -15.20 -21.18 4.18
N TYR B 257 -14.09 -21.93 4.17
CA TYR B 257 -12.79 -21.33 4.46
C TYR B 257 -12.40 -20.23 3.48
N ILE B 258 -12.79 -20.41 2.21
CA ILE B 258 -12.51 -19.41 1.19
C ILE B 258 -13.31 -18.14 1.52
N LEU B 259 -14.48 -18.34 2.11
CA LEU B 259 -15.36 -17.24 2.49
C LEU B 259 -14.79 -16.53 3.72
N LEU B 260 -14.25 -17.32 4.64
CA LEU B 260 -13.66 -16.81 5.86
C LEU B 260 -12.53 -15.81 5.58
N ASP B 261 -11.82 -16.02 4.47
CA ASP B 261 -10.70 -15.15 4.12
C ASP B 261 -11.08 -13.88 3.35
N GLU B 262 -12.33 -13.77 2.93
CA GLU B 262 -12.79 -12.59 2.19
C GLU B 262 -12.54 -11.28 2.95
N LEU B 263 -12.90 -11.28 4.24
CA LEU B 263 -12.75 -10.09 5.08
C LEU B 263 -11.35 -9.83 5.67
N PHE B 264 -10.40 -10.71 5.38
CA PHE B 264 -9.03 -10.55 5.88
C PHE B 264 -8.08 -10.13 4.76
MG MG C . -0.23 10.90 -7.13
MG MG D . -1.00 11.99 -3.51
PG ANP E . 0.60 9.75 -4.51
O1G ANP E . 1.09 10.42 -5.73
O2G ANP E . 1.17 8.41 -4.23
O3G ANP E . 0.39 10.62 -3.32
PB ANP E . -2.22 9.28 -4.17
O1B ANP E . -2.06 8.15 -3.25
O2B ANP E . -2.53 10.62 -3.63
N3B ANP E . -1.01 9.35 -5.01
PA ANP E . -3.49 9.54 -6.72
O1A ANP E . -4.63 10.48 -6.71
O2A ANP E . -2.17 10.01 -7.17
O3A ANP E . -3.35 8.90 -5.25
O5' ANP E . -3.89 8.25 -7.59
C5' ANP E . -2.98 7.15 -7.69
C4' ANP E . -2.83 6.74 -9.15
O4' ANP E . -4.08 6.24 -9.67
C3' ANP E . -2.50 7.90 -10.08
O3' ANP E . -1.09 7.97 -10.26
C2' ANP E . -3.16 7.42 -11.37
O2' ANP E . -2.35 6.37 -11.93
C1' ANP E . -4.47 6.78 -10.93
N9 ANP E . -5.60 7.73 -10.89
C8 ANP E . -6.23 8.28 -9.81
N7 ANP E . -7.21 9.09 -10.10
C5 ANP E . -7.24 9.09 -11.49
C6 ANP E . -8.07 9.75 -12.44
N6 ANP E . -9.06 10.58 -12.11
N1 ANP E . -7.83 9.51 -13.74
C2 ANP E . -6.84 8.68 -14.08
N3 ANP E . -6.01 8.01 -13.29
C4 ANP E . -6.27 8.25 -11.98
MG MG F . 2.53 -12.38 2.08
MG MG G . 0.25 -11.50 4.89
PG ANP H . 0.44 -10.52 2.01
O1G ANP H . 0.72 -11.84 1.40
O2G ANP H . 0.17 -9.41 1.07
O3G ANP H . -0.39 -10.54 3.25
PB ANP H . 2.34 -9.31 3.78
O1B ANP H . 1.88 -7.94 3.55
O2B ANP H . 1.93 -10.04 5.00
N3B ANP H . 2.00 -10.11 2.57
PA ANP H . 4.87 -10.59 3.38
O1A ANP H . 5.47 -11.08 4.64
O2A ANP H . 4.11 -11.50 2.52
O3A ANP H . 3.95 -9.31 3.73
O5' ANP H . 6.02 -9.92 2.50
C5' ANP H . 5.69 -9.28 1.26
C4' ANP H . 6.63 -9.77 0.15
O4' ANP H . 7.98 -9.37 0.44
C3' ANP H . 6.73 -11.29 0.06
O3' ANP H . 5.81 -11.75 -0.92
C2' ANP H . 8.15 -11.46 -0.46
O2' ANP H . 8.16 -11.10 -1.85
C1' ANP H . 8.95 -10.41 0.30
N9 ANP H . 9.52 -10.91 1.57
C8 ANP H . 9.12 -10.63 2.85
N7 ANP H . 9.84 -11.22 3.77
C5 ANP H . 10.79 -11.94 3.04
C6 ANP H . 11.86 -12.79 3.43
N6 ANP H . 12.15 -13.06 4.71
N1 ANP H . 12.60 -13.35 2.44
C2 ANP H . 12.30 -13.08 1.18
N3 ANP H . 11.33 -12.30 0.69
C4 ANP H . 10.60 -11.76 1.70
#